data_6ASP
#
_entry.id   6ASP
#
_cell.length_a   65.661
_cell.length_b   84.772
_cell.length_c   96.013
_cell.angle_alpha   90.00
_cell.angle_beta   90.00
_cell.angle_gamma   90.00
#
_symmetry.space_group_name_H-M   'P 21 21 21'
#
loop_
_entity.id
_entity.type
_entity.pdbx_description
1 polymer Endoplasmin
2 non-polymer 3,6,9,12,15,18-HEXAOXAICOSANE-1,20-DIOL
3 non-polymer GLYCEROL
4 non-polymer 'methyl 3-chloro-2-(2-(1-(2-ethoxybenzyl)-1 H-imidazol-2-yl)ethyl)-4,6-dihydroxybenzoate'
5 water water
#
_entity_poly.entity_id   1
_entity_poly.type   'polypeptide(L)'
_entity_poly.pdbx_seq_one_letter_code
;SLREKSEKFAFQAEVNRMMKLIINSLYKNKEIFLRELISNASDALDKIRLISLTDENALAGNEELTVKIKCDKEKNLLHV
TDTGVGMTREELVKNLGTIAKSGTSEFLNKMTEAQEDGQSTSELIGQFGVGFYSAFLVADKVIVTSKHNNDTQHIWESDS
NEFSVIADPRGNTLGRGTTITLVLKEEASDYLELDTIKNLVKKYSQFINFPIYVWSSKTGGGGKTVWDWELMN
;
_entity_poly.pdbx_strand_id   A,B
#
# COMPACT_ATOMS: atom_id res chain seq x y z
N GLU A 7 17.13 -1.27 2.25
CA GLU A 7 16.53 -2.60 2.17
C GLU A 7 16.94 -3.51 3.34
N LYS A 8 18.18 -3.38 3.80
CA LYS A 8 18.64 -4.16 4.95
C LYS A 8 18.16 -3.54 6.26
N PHE A 9 17.73 -4.39 7.20
CA PHE A 9 17.27 -3.91 8.50
C PHE A 9 17.86 -4.75 9.62
N ALA A 10 17.95 -4.13 10.80
CA ALA A 10 18.36 -4.79 12.02
C ALA A 10 17.14 -5.14 12.87
N PHE A 11 17.20 -6.31 13.49
CA PHE A 11 16.19 -6.68 14.44
C PHE A 11 16.27 -5.79 15.66
N GLN A 12 15.11 -5.49 16.24
CA GLN A 12 15.10 -4.79 17.51
C GLN A 12 15.72 -5.70 18.58
N ALA A 13 16.34 -5.07 19.58
CA ALA A 13 17.07 -5.82 20.60
C ALA A 13 16.20 -6.90 21.26
N GLU A 14 14.96 -6.56 21.64
CA GLU A 14 14.12 -7.54 22.35
C GLU A 14 13.71 -8.70 21.46
N VAL A 15 13.66 -8.49 20.15
CA VAL A 15 13.38 -9.59 19.25
C VAL A 15 14.56 -10.55 19.18
N ASN A 16 15.80 -10.03 19.22
CA ASN A 16 16.95 -10.92 19.26
C ASN A 16 16.93 -11.77 20.52
N ARG A 17 16.56 -11.19 21.67
CA ARG A 17 16.49 -12.00 22.89
C ARG A 17 15.39 -13.03 22.78
N MET A 18 14.23 -12.63 22.26
CA MET A 18 13.12 -13.55 22.09
C MET A 18 13.53 -14.72 21.20
N MET A 19 14.25 -14.44 20.12
CA MET A 19 14.69 -15.53 19.26
C MET A 19 15.62 -16.48 20.02
N LYS A 20 16.47 -15.95 20.89
CA LYS A 20 17.36 -16.80 21.65
C LYS A 20 16.59 -17.58 22.73
N LEU A 21 15.70 -16.90 23.46
CA LEU A 21 14.88 -17.60 24.44
C LEU A 21 14.05 -18.70 23.78
N ILE A 22 13.31 -18.37 22.71
CA ILE A 22 12.51 -19.40 22.03
C ILE A 22 13.42 -20.56 21.60
N ILE A 23 14.59 -20.26 21.08
CA ILE A 23 15.43 -21.30 20.50
C ILE A 23 16.02 -22.19 21.59
N ASN A 24 16.47 -21.61 22.69
CA ASN A 24 17.17 -22.45 23.66
C ASN A 24 16.25 -23.07 24.71
N SER A 25 14.94 -22.85 24.64
CA SER A 25 14.01 -23.54 25.52
C SER A 25 13.13 -24.56 24.80
N LEU A 26 13.08 -24.54 23.48
CA LEU A 26 12.22 -25.43 22.74
C LEU A 26 13.00 -26.31 21.77
N TYR A 27 14.32 -26.41 21.98
CA TYR A 27 15.12 -27.25 21.09
C TYR A 27 14.77 -28.73 21.22
N LYS A 28 14.09 -29.12 22.30
CA LYS A 28 13.66 -30.50 22.48
C LYS A 28 12.28 -30.79 21.89
N ASN A 29 11.49 -29.76 21.58
CA ASN A 29 10.17 -29.91 20.96
C ASN A 29 10.07 -29.14 19.64
N LYS A 30 10.98 -29.41 18.70
CA LYS A 30 11.06 -28.58 17.49
C LYS A 30 9.77 -28.56 16.68
N GLU A 31 9.00 -29.66 16.67
CA GLU A 31 7.80 -29.74 15.83
C GLU A 31 6.78 -28.64 16.12
N ILE A 32 6.93 -27.90 17.23
CA ILE A 32 5.94 -26.91 17.59
C ILE A 32 5.86 -25.77 16.56
N PHE A 33 6.92 -25.56 15.76
CA PHE A 33 6.94 -24.49 14.76
C PHE A 33 5.80 -24.67 13.76
N LEU A 34 5.50 -25.91 13.41
CA LEU A 34 4.45 -26.09 12.43
C LEU A 34 3.08 -25.82 13.04
N ARG A 35 2.92 -26.08 14.34
CA ARG A 35 1.71 -25.65 15.03
C ARG A 35 1.58 -24.13 15.03
N GLU A 36 2.70 -23.41 15.20
CA GLU A 36 2.55 -21.96 15.31
C GLU A 36 2.34 -21.33 13.94
N LEU A 37 2.90 -21.92 12.89
CA LEU A 37 2.61 -21.41 11.55
C LEU A 37 1.16 -21.65 11.15
N ILE A 38 0.59 -22.79 11.56
CA ILE A 38 -0.81 -23.02 11.24
C ILE A 38 -1.70 -22.08 12.04
N SER A 39 -1.38 -21.89 13.31
CA SER A 39 -2.10 -20.91 14.12
C SER A 39 -2.02 -19.52 13.51
N ASN A 40 -0.81 -19.10 13.08
CA ASN A 40 -0.72 -17.77 12.50
C ASN A 40 -1.51 -17.69 11.19
N ALA A 41 -1.52 -18.76 10.41
CA ALA A 41 -2.26 -18.71 9.17
C ALA A 41 -3.74 -18.52 9.44
N SER A 42 -4.23 -19.17 10.51
CA SER A 42 -5.64 -19.12 10.84
C SER A 42 -6.05 -17.73 11.29
N ASP A 43 -5.20 -17.07 12.09
CA ASP A 43 -5.54 -15.71 12.52
C ASP A 43 -5.64 -14.77 11.34
N ALA A 44 -4.76 -14.94 10.35
CA ALA A 44 -4.78 -14.05 9.19
C ALA A 44 -6.03 -14.27 8.36
N LEU A 45 -6.48 -15.53 8.24
CA LEU A 45 -7.76 -15.84 7.60
C LEU A 45 -8.92 -15.22 8.39
N ASP A 46 -8.91 -15.33 9.72
CA ASP A 46 -9.91 -14.66 10.55
C ASP A 46 -9.91 -13.14 10.30
N LYS A 47 -8.72 -12.53 10.24
CA LYS A 47 -8.65 -11.09 10.05
C LYS A 47 -9.31 -10.69 8.72
N ILE A 48 -9.01 -11.42 7.64
CA ILE A 48 -9.61 -11.01 6.36
C ILE A 48 -11.10 -11.31 6.36
N ARG A 49 -11.53 -12.36 7.06
CA ARG A 49 -12.95 -12.67 7.10
C ARG A 49 -13.73 -11.62 7.87
N LEU A 50 -13.18 -11.12 8.97
CA LEU A 50 -13.78 -9.98 9.65
C LEU A 50 -13.89 -8.77 8.73
N ILE A 51 -12.78 -8.44 8.05
CA ILE A 51 -12.77 -7.30 7.14
C ILE A 51 -13.80 -7.49 6.04
N SER A 52 -14.01 -8.73 5.58
CA SER A 52 -14.99 -8.96 4.53
C SER A 52 -16.42 -8.75 5.01
N LEU A 53 -16.67 -8.82 6.31
CA LEU A 53 -18.01 -8.53 6.82
C LEU A 53 -18.45 -7.13 6.44
N THR A 54 -17.53 -6.16 6.48
CA THR A 54 -17.88 -4.77 6.19
C THR A 54 -17.39 -4.25 4.85
N ASP A 55 -16.67 -5.05 4.05
CA ASP A 55 -16.13 -4.58 2.78
C ASP A 55 -16.45 -5.59 1.70
N GLU A 56 -17.25 -5.15 0.71
CA GLU A 56 -17.71 -6.01 -0.37
C GLU A 56 -16.57 -6.58 -1.21
N ASN A 57 -15.45 -5.86 -1.30
CA ASN A 57 -14.36 -6.24 -2.18
C ASN A 57 -13.16 -6.82 -1.46
N ALA A 58 -13.31 -7.22 -0.20
CA ALA A 58 -12.18 -7.71 0.57
C ALA A 58 -11.53 -8.93 -0.09
N LEU A 59 -12.33 -9.85 -0.62
CA LEU A 59 -11.80 -11.12 -1.13
C LEU A 59 -11.53 -11.10 -2.64
N ALA A 60 -11.51 -9.93 -3.28
CA ALA A 60 -11.40 -9.89 -4.75
C ALA A 60 -10.02 -10.35 -5.24
N GLY A 61 -8.97 -10.08 -4.47
CA GLY A 61 -7.65 -10.54 -4.87
C GLY A 61 -7.50 -12.05 -4.85
N ASN A 62 -8.42 -12.76 -4.18
CA ASN A 62 -8.42 -14.21 -4.08
C ASN A 62 -9.64 -14.63 -3.27
N GLU A 63 -10.43 -15.57 -3.79
CA GLU A 63 -11.75 -15.77 -3.22
C GLU A 63 -11.84 -16.95 -2.27
N GLU A 64 -10.79 -17.77 -2.14
CA GLU A 64 -10.77 -18.85 -1.17
C GLU A 64 -10.14 -18.40 0.15
N LEU A 65 -10.43 -19.15 1.21
CA LEU A 65 -9.88 -18.97 2.56
C LEU A 65 -9.23 -20.29 2.95
N THR A 66 -7.97 -20.49 2.58
CA THR A 66 -7.33 -21.78 2.82
C THR A 66 -5.93 -21.63 3.38
N VAL A 67 -5.39 -22.76 3.83
CA VAL A 67 -3.96 -22.93 4.08
C VAL A 67 -3.50 -24.08 3.18
N LYS A 68 -2.41 -23.87 2.45
CA LYS A 68 -1.86 -24.87 1.55
C LYS A 68 -0.40 -25.12 1.89
N ILE A 69 -0.06 -26.39 2.11
CA ILE A 69 1.24 -26.80 2.63
C ILE A 69 1.93 -27.61 1.54
N LYS A 70 3.20 -27.31 1.26
CA LYS A 70 3.86 -27.92 0.12
C LYS A 70 5.33 -28.16 0.45
N CYS A 71 5.78 -29.39 0.24
CA CYS A 71 7.18 -29.75 0.45
C CYS A 71 7.93 -29.69 -0.86
N ASP A 72 9.17 -29.23 -0.81
CA ASP A 72 10.06 -29.32 -1.97
C ASP A 72 11.31 -30.01 -1.44
N LYS A 73 11.33 -31.34 -1.53
CA LYS A 73 12.47 -32.08 -0.99
C LYS A 73 13.74 -31.78 -1.77
N GLU A 74 13.64 -31.50 -3.08
CA GLU A 74 14.85 -31.33 -3.88
C GLU A 74 15.47 -29.96 -3.66
N LYS A 75 14.66 -28.95 -3.39
CA LYS A 75 15.21 -27.65 -3.07
C LYS A 75 15.35 -27.43 -1.56
N ASN A 76 14.95 -28.41 -0.74
CA ASN A 76 15.11 -28.35 0.71
C ASN A 76 14.19 -27.26 1.31
N LEU A 77 12.96 -27.19 0.81
CA LEU A 77 12.07 -26.09 1.18
C LEU A 77 10.72 -26.61 1.65
N LEU A 78 10.17 -25.92 2.65
CA LEU A 78 8.81 -26.14 3.13
C LEU A 78 8.04 -24.84 2.99
N HIS A 79 6.85 -24.91 2.38
CA HIS A 79 6.02 -23.73 2.16
C HIS A 79 4.70 -23.87 2.91
N VAL A 80 4.30 -22.79 3.59
CA VAL A 80 2.97 -22.67 4.19
C VAL A 80 2.35 -21.39 3.66
N THR A 81 1.25 -21.53 2.92
CA THR A 81 0.63 -20.41 2.25
C THR A 81 -0.80 -20.29 2.75
N ASP A 82 -1.19 -19.09 3.17
CA ASP A 82 -2.56 -18.82 3.56
C ASP A 82 -3.09 -17.67 2.70
N THR A 83 -4.39 -17.64 2.53
CA THR A 83 -5.02 -16.56 1.80
C THR A 83 -5.70 -15.56 2.75
N GLY A 84 -5.10 -15.32 3.93
CA GLY A 84 -5.60 -14.35 4.88
C GLY A 84 -5.30 -12.92 4.46
N VAL A 85 -5.22 -12.03 5.47
CA VAL A 85 -5.16 -10.59 5.20
C VAL A 85 -3.87 -10.18 4.49
N GLY A 86 -2.78 -10.92 4.66
CA GLY A 86 -1.50 -10.52 4.12
C GLY A 86 -0.92 -9.31 4.87
N MET A 87 0.26 -8.89 4.42
CA MET A 87 0.97 -7.80 5.07
C MET A 87 1.49 -6.80 4.05
N THR A 88 1.35 -5.52 4.38
CA THR A 88 1.98 -4.50 3.59
C THR A 88 3.46 -4.50 3.87
N ARG A 89 4.19 -3.82 2.98
CA ARG A 89 5.63 -3.68 3.12
C ARG A 89 5.98 -3.08 4.50
N GLU A 90 5.19 -2.11 4.97
CA GLU A 90 5.47 -1.53 6.28
C GLU A 90 5.16 -2.51 7.40
N GLU A 91 4.11 -3.31 7.24
CA GLU A 91 3.83 -4.27 8.31
C GLU A 91 4.84 -5.42 8.30
N LEU A 92 5.45 -5.75 7.17
CA LEU A 92 6.54 -6.70 7.19
C LEU A 92 7.68 -6.18 8.04
N VAL A 93 8.07 -4.92 7.82
CA VAL A 93 9.16 -4.32 8.59
C VAL A 93 8.83 -4.29 10.08
N LYS A 94 7.60 -3.91 10.44
CA LYS A 94 7.31 -3.72 11.86
C LYS A 94 6.84 -4.99 12.54
N ASN A 95 5.95 -5.75 11.90
CA ASN A 95 5.41 -6.93 12.55
C ASN A 95 6.46 -8.01 12.67
N LEU A 96 7.44 -8.06 11.78
CA LEU A 96 8.42 -9.12 11.88
C LEU A 96 9.73 -8.68 12.52
N GLY A 97 10.06 -7.39 12.52
CA GLY A 97 11.34 -6.93 13.05
C GLY A 97 11.32 -6.24 14.40
N THR A 98 10.12 -5.90 14.89
CA THR A 98 9.96 -5.22 16.17
C THR A 98 8.94 -5.97 17.02
N ILE A 99 8.49 -5.32 18.09
CA ILE A 99 7.62 -5.94 19.09
C ILE A 99 6.85 -4.86 19.87
N ALA A 100 5.53 -4.79 19.66
CA ALA A 100 4.70 -3.81 20.34
C ALA A 100 4.17 -4.34 21.69
N GLY A 103 2.73 -6.02 26.54
CA GLY A 103 3.73 -6.02 27.59
C GLY A 103 4.81 -7.05 27.30
N THR A 104 5.80 -6.63 26.52
CA THR A 104 6.84 -7.53 26.05
C THR A 104 7.91 -7.78 27.11
N SER A 105 8.32 -6.72 27.82
CA SER A 105 9.35 -6.83 28.84
C SER A 105 8.96 -7.84 29.92
N GLU A 106 7.80 -7.64 30.54
CA GLU A 106 7.18 -8.61 31.45
C GLU A 106 7.30 -10.04 30.96
N PHE A 107 7.19 -10.21 29.66
CA PHE A 107 6.96 -11.53 29.07
C PHE A 107 8.25 -12.20 28.57
N LEU A 108 9.33 -11.45 28.39
CA LEU A 108 10.64 -12.11 28.30
C LEU A 108 11.16 -12.49 29.68
N ASN A 109 10.68 -11.82 30.72
CA ASN A 109 10.99 -12.22 32.08
C ASN A 109 10.14 -13.41 32.49
N LYS A 110 8.89 -13.47 32.01
CA LYS A 110 8.06 -14.64 32.28
C LYS A 110 8.66 -15.89 31.64
N MET A 111 9.35 -15.77 30.51
CA MET A 111 9.93 -16.96 29.92
C MET A 111 11.29 -17.34 30.48
N THR A 112 12.13 -16.36 30.82
CA THR A 112 13.39 -16.68 31.48
C THR A 112 13.12 -17.41 32.80
N GLU A 113 12.17 -16.93 33.59
CA GLU A 113 11.81 -17.59 34.85
C GLU A 113 10.73 -18.64 34.64
N SER A 120 4.97 -24.68 31.01
CA SER A 120 5.86 -24.80 29.85
C SER A 120 5.89 -23.52 29.02
N THR A 121 7.09 -23.19 28.51
CA THR A 121 7.23 -22.08 27.56
C THR A 121 6.59 -22.38 26.21
N SER A 122 6.30 -23.65 25.91
CA SER A 122 5.67 -24.00 24.65
C SER A 122 4.32 -23.29 24.47
N GLU A 123 3.48 -23.32 25.51
CA GLU A 123 2.13 -22.79 25.32
C GLU A 123 2.04 -21.27 25.40
N LEU A 124 2.89 -20.60 26.17
CA LEU A 124 2.70 -19.17 26.32
C LEU A 124 3.40 -18.33 25.25
N ILE A 125 4.25 -18.93 24.41
CA ILE A 125 4.60 -18.19 23.19
C ILE A 125 3.40 -18.18 22.26
N GLY A 126 2.54 -19.18 22.35
CA GLY A 126 1.29 -19.12 21.62
C GLY A 126 0.40 -17.99 22.08
N GLN A 127 0.38 -17.73 23.39
CA GLN A 127 -0.56 -16.75 23.91
C GLN A 127 -0.13 -15.32 23.61
N PHE A 128 1.16 -15.08 23.36
CA PHE A 128 1.64 -13.76 22.95
C PHE A 128 1.71 -13.59 21.44
N GLY A 129 1.43 -14.64 20.66
CA GLY A 129 1.51 -14.52 19.19
C GLY A 129 2.89 -14.26 18.63
N VAL A 130 3.92 -14.87 19.23
CA VAL A 130 5.31 -14.69 18.79
C VAL A 130 5.93 -16.01 18.34
N GLY A 131 5.09 -16.99 18.04
CA GLY A 131 5.60 -18.28 17.62
C GLY A 131 6.16 -18.29 16.22
N PHE A 132 6.01 -17.21 15.46
CA PHE A 132 6.66 -17.15 14.16
C PHE A 132 8.13 -17.47 14.27
N TYR A 133 8.76 -16.97 15.34
CA TYR A 133 10.20 -17.09 15.48
C TYR A 133 10.64 -18.51 15.75
N SER A 134 9.72 -19.40 16.15
CA SER A 134 10.12 -20.79 16.28
C SER A 134 10.56 -21.40 14.95
N ALA A 135 10.29 -20.73 13.82
CA ALA A 135 10.72 -21.29 12.54
C ALA A 135 12.23 -21.44 12.47
N PHE A 136 12.98 -20.60 13.19
CA PHE A 136 14.44 -20.74 13.21
C PHE A 136 14.91 -21.98 13.95
N LEU A 137 14.05 -22.68 14.70
CA LEU A 137 14.46 -23.97 15.27
C LEU A 137 14.80 -24.96 14.15
N VAL A 138 14.05 -24.93 13.05
CA VAL A 138 14.24 -25.91 11.98
C VAL A 138 14.80 -25.31 10.70
N ALA A 139 14.99 -24.00 10.61
CA ALA A 139 15.32 -23.36 9.35
C ALA A 139 16.55 -22.49 9.49
N ASP A 140 17.42 -22.50 8.45
CA ASP A 140 18.57 -21.61 8.36
C ASP A 140 18.21 -20.23 7.82
N LYS A 141 17.25 -20.18 6.90
CA LYS A 141 16.71 -18.96 6.37
C LYS A 141 15.19 -19.04 6.43
N VAL A 142 14.55 -17.90 6.66
CA VAL A 142 13.10 -17.80 6.60
C VAL A 142 12.71 -16.71 5.60
N ILE A 143 11.76 -17.04 4.73
CA ILE A 143 11.29 -16.11 3.71
C ILE A 143 9.79 -15.97 3.83
N VAL A 144 9.32 -14.73 3.85
CA VAL A 144 7.89 -14.41 3.93
C VAL A 144 7.53 -13.61 2.69
N THR A 145 6.67 -14.19 1.86
CA THR A 145 6.11 -13.50 0.71
C THR A 145 4.68 -13.12 1.03
N SER A 146 4.35 -11.84 0.86
CA SER A 146 3.06 -11.35 1.33
C SER A 146 2.45 -10.30 0.39
N LYS A 147 1.14 -10.46 0.15
CA LYS A 147 0.34 -9.57 -0.69
C LYS A 147 -0.87 -9.11 0.14
N HIS A 148 -0.90 -7.83 0.49
CA HIS A 148 -1.99 -7.18 1.19
C HIS A 148 -2.80 -6.37 0.18
N ASN A 149 -4.09 -6.18 0.48
CA ASN A 149 -4.95 -5.49 -0.48
C ASN A 149 -4.49 -4.07 -0.77
N ASN A 150 -3.81 -3.41 0.18
CA ASN A 150 -3.35 -2.04 0.06
C ASN A 150 -1.87 -1.91 -0.37
N ASP A 151 -1.26 -2.95 -0.93
CA ASP A 151 0.13 -2.81 -1.34
C ASP A 151 0.45 -3.86 -2.39
N THR A 152 1.67 -3.80 -2.89
CA THR A 152 2.15 -4.77 -3.86
C THR A 152 2.85 -5.90 -3.13
N GLN A 153 3.00 -7.02 -3.83
CA GLN A 153 3.66 -8.16 -3.21
C GLN A 153 5.12 -7.83 -2.86
N HIS A 154 5.51 -8.13 -1.62
CA HIS A 154 6.87 -7.92 -1.17
C HIS A 154 7.42 -9.21 -0.59
N ILE A 155 8.75 -9.28 -0.50
CA ILE A 155 9.44 -10.43 0.08
C ILE A 155 10.30 -9.97 1.24
N TRP A 156 10.13 -10.63 2.38
CA TRP A 156 10.92 -10.45 3.59
C TRP A 156 11.78 -11.68 3.77
N GLU A 157 13.04 -11.46 4.10
CA GLU A 157 13.96 -12.57 4.15
C GLU A 157 14.93 -12.40 5.31
N SER A 158 15.24 -13.49 6.01
CA SER A 158 16.14 -13.36 7.15
C SER A 158 16.79 -14.70 7.48
N ASP A 159 18.05 -14.64 7.91
CA ASP A 159 18.74 -15.76 8.54
C ASP A 159 18.88 -15.55 10.05
N SER A 160 18.13 -14.60 10.60
CA SER A 160 18.08 -14.13 11.99
C SER A 160 19.15 -13.09 12.32
N ASN A 161 20.12 -12.85 11.45
CA ASN A 161 21.16 -11.89 11.79
C ASN A 161 20.87 -10.50 11.27
N GLU A 162 19.79 -10.37 10.50
CA GLU A 162 19.34 -9.15 9.84
C GLU A 162 18.17 -9.60 9.01
N PHE A 163 17.46 -8.65 8.39
CA PHE A 163 16.47 -9.03 7.40
C PHE A 163 16.38 -7.94 6.35
N SER A 164 15.83 -8.30 5.21
CA SER A 164 15.62 -7.33 4.15
C SER A 164 14.23 -7.54 3.56
N VAL A 165 13.63 -6.42 3.16
CA VAL A 165 12.34 -6.42 2.49
C VAL A 165 12.54 -5.89 1.09
N ILE A 166 12.09 -6.65 0.10
CA ILE A 166 12.19 -6.20 -1.26
C ILE A 166 10.85 -6.37 -1.95
N ALA A 167 10.61 -5.52 -2.94
CA ALA A 167 9.46 -5.73 -3.81
C ALA A 167 9.68 -7.02 -4.59
N ASP A 168 8.63 -7.83 -4.67
CA ASP A 168 8.67 -9.11 -5.36
C ASP A 168 8.70 -8.86 -6.87
N PRO A 169 9.81 -9.16 -7.56
CA PRO A 169 9.85 -8.86 -9.00
C PRO A 169 8.91 -9.72 -9.83
N ARG A 170 8.35 -10.80 -9.26
CA ARG A 170 7.37 -11.63 -9.94
C ARG A 170 5.97 -11.00 -9.96
N GLY A 171 5.77 -9.87 -9.29
CA GLY A 171 4.45 -9.28 -9.22
C GLY A 171 3.53 -9.97 -8.22
N ASN A 172 2.24 -9.80 -8.44
CA ASN A 172 1.22 -10.30 -7.52
C ASN A 172 0.87 -11.71 -7.95
N THR A 173 1.64 -12.69 -7.49
CA THR A 173 1.31 -14.07 -7.75
C THR A 173 0.47 -14.70 -6.65
N LEU A 174 0.38 -14.07 -5.48
CA LEU A 174 -0.41 -14.62 -4.40
C LEU A 174 -1.88 -14.23 -4.47
N GLY A 175 -2.18 -13.08 -5.04
CA GLY A 175 -3.52 -12.55 -5.01
C GLY A 175 -3.74 -11.81 -3.71
N ARG A 176 -3.69 -12.55 -2.61
CA ARG A 176 -3.79 -11.96 -1.29
C ARG A 176 -3.37 -13.05 -0.30
N GLY A 177 -2.54 -12.68 0.69
CA GLY A 177 -2.15 -13.62 1.70
C GLY A 177 -0.65 -13.67 1.85
N THR A 178 -0.17 -14.77 2.40
CA THR A 178 1.21 -14.97 2.85
C THR A 178 1.70 -16.38 2.62
N THR A 179 2.95 -16.51 2.14
CA THR A 179 3.71 -17.75 2.13
C THR A 179 4.89 -17.60 3.07
N ILE A 180 5.05 -18.56 3.97
CA ILE A 180 6.27 -18.72 4.76
C ILE A 180 7.10 -19.81 4.09
N THR A 181 8.31 -19.47 3.72
CA THR A 181 9.23 -20.46 3.16
C THR A 181 10.37 -20.67 4.13
N LEU A 182 10.66 -21.94 4.42
CA LEU A 182 11.73 -22.30 5.34
C LEU A 182 12.76 -23.11 4.55
N VAL A 183 14.02 -22.66 4.54
CA VAL A 183 15.10 -23.48 4.01
C VAL A 183 15.64 -24.26 5.22
N LEU A 184 15.32 -25.54 5.28
CA LEU A 184 15.50 -26.14 6.59
C LEU A 184 16.95 -26.53 6.84
N LYS A 185 17.30 -26.58 8.11
CA LYS A 185 18.61 -27.05 8.50
C LYS A 185 18.76 -28.50 8.07
N GLU A 186 20.01 -28.96 8.02
CA GLU A 186 20.28 -30.33 7.57
C GLU A 186 19.58 -31.33 8.48
N GLU A 187 19.61 -31.11 9.80
CA GLU A 187 19.00 -32.07 10.70
C GLU A 187 17.48 -32.01 10.69
N ALA A 188 16.88 -31.03 10.02
CA ALA A 188 15.44 -30.87 9.97
C ALA A 188 14.84 -31.47 8.71
N SER A 189 15.64 -32.24 7.95
CA SER A 189 15.18 -32.87 6.72
C SER A 189 14.07 -33.87 6.93
N ASP A 190 13.81 -34.29 8.18
CA ASP A 190 12.68 -35.15 8.44
C ASP A 190 11.37 -34.44 8.16
N TYR A 191 11.36 -33.11 8.27
CA TYR A 191 10.16 -32.34 7.99
C TYR A 191 9.95 -32.10 6.52
N LEU A 192 10.78 -32.71 5.67
CA LEU A 192 10.51 -32.78 4.25
C LEU A 192 9.73 -34.02 3.89
N GLU A 193 9.72 -35.02 4.75
CA GLU A 193 9.08 -36.26 4.38
C GLU A 193 7.58 -36.05 4.39
N LEU A 194 6.96 -36.44 3.29
CA LEU A 194 5.56 -36.17 3.08
C LEU A 194 4.66 -36.74 4.20
N ASP A 195 5.01 -37.89 4.78
CA ASP A 195 4.12 -38.48 5.77
C ASP A 195 4.29 -37.86 7.15
N THR A 196 5.48 -37.39 7.51
CA THR A 196 5.58 -36.66 8.78
C THR A 196 4.82 -35.36 8.69
N ILE A 197 4.89 -34.69 7.55
CA ILE A 197 4.20 -33.40 7.39
C ILE A 197 2.70 -33.61 7.53
N LYS A 198 2.16 -34.58 6.79
CA LYS A 198 0.74 -34.89 6.88
C LYS A 198 0.39 -35.26 8.30
N ASN A 199 1.31 -35.93 8.97
CA ASN A 199 1.02 -36.36 10.33
C ASN A 199 0.97 -35.16 11.28
N LEU A 200 1.94 -34.25 11.17
CA LEU A 200 1.94 -33.10 12.09
C LEU A 200 0.82 -32.14 11.75
N VAL A 201 0.47 -32.02 10.46
CA VAL A 201 -0.62 -31.13 10.07
C VAL A 201 -1.93 -31.58 10.70
N LYS A 202 -2.12 -32.91 10.87
CA LYS A 202 -3.35 -33.44 11.46
C LYS A 202 -3.47 -33.10 12.92
N LYS A 203 -2.37 -33.29 13.61
CA LYS A 203 -2.34 -33.05 15.04
C LYS A 203 -2.66 -31.60 15.34
N TYR A 204 -2.12 -30.69 14.54
CA TYR A 204 -2.20 -29.27 14.83
C TYR A 204 -3.27 -28.54 14.05
N SER A 205 -4.07 -29.21 13.24
CA SER A 205 -5.12 -28.52 12.50
C SER A 205 -6.52 -29.05 12.82
N GLN A 206 -6.63 -30.00 13.76
CA GLN A 206 -7.92 -30.62 14.04
C GLN A 206 -8.99 -29.58 14.33
N PHE A 207 -8.61 -28.46 14.94
CA PHE A 207 -9.54 -27.47 15.45
C PHE A 207 -9.31 -26.07 14.86
N ILE A 208 -8.80 -26.04 13.66
CA ILE A 208 -8.71 -24.84 12.83
C ILE A 208 -9.97 -24.80 11.97
N ASN A 209 -10.58 -23.62 11.84
CA ASN A 209 -11.84 -23.50 11.09
C ASN A 209 -11.63 -23.01 9.68
N PHE A 210 -10.58 -23.48 9.02
CA PHE A 210 -10.39 -23.26 7.59
C PHE A 210 -9.81 -24.50 6.98
N PRO A 211 -10.17 -24.84 5.75
CA PRO A 211 -9.58 -25.99 5.09
C PRO A 211 -8.05 -25.85 5.03
N ILE A 212 -7.34 -26.95 5.28
CA ILE A 212 -5.90 -26.95 5.28
C ILE A 212 -5.48 -28.12 4.40
N TYR A 213 -4.68 -27.88 3.38
CA TYR A 213 -4.31 -28.93 2.43
C TYR A 213 -2.81 -29.15 2.41
N VAL A 214 -2.44 -30.42 2.17
CA VAL A 214 -1.07 -30.80 1.85
C VAL A 214 -1.00 -31.26 0.40
N TRP A 215 0.01 -30.78 -0.33
CA TRP A 215 0.28 -31.26 -1.68
C TRP A 215 0.90 -32.65 -1.61
N SER A 216 0.13 -33.69 -1.97
CA SER A 216 0.54 -35.07 -1.68
C SER A 216 0.49 -35.94 -2.93
N SER A 217 0.86 -37.22 -2.76
CA SER A 217 0.93 -38.21 -3.82
C SER A 217 -0.07 -39.34 -3.58
N LYS A 218 -0.67 -39.82 -4.66
CA LYS A 218 -1.55 -40.98 -4.65
C LYS A 218 -1.35 -41.76 -5.95
N THR A 219 -1.85 -42.99 -5.95
CA THR A 219 -1.87 -43.81 -7.16
C THR A 219 -3.22 -44.51 -7.26
N LYS A 224 0.38 -45.11 -11.51
CA LYS A 224 0.92 -43.80 -11.81
C LYS A 224 0.79 -42.86 -10.62
N THR A 225 1.91 -42.25 -10.22
CA THR A 225 1.91 -41.31 -9.11
C THR A 225 1.32 -39.98 -9.57
N VAL A 226 0.30 -39.50 -8.86
CA VAL A 226 -0.35 -38.22 -9.20
C VAL A 226 -0.34 -37.31 -7.98
N TRP A 227 -0.31 -36.01 -8.23
CA TRP A 227 -0.20 -34.99 -7.20
C TRP A 227 -1.41 -34.08 -7.21
N ASP A 228 -1.96 -33.83 -6.02
CA ASP A 228 -3.05 -32.88 -5.85
C ASP A 228 -3.15 -32.48 -4.39
N TRP A 229 -3.94 -31.45 -4.12
CA TRP A 229 -4.19 -31.05 -2.75
C TRP A 229 -5.01 -32.13 -2.07
N GLU A 230 -4.60 -32.51 -0.87
CA GLU A 230 -5.32 -33.47 -0.07
C GLU A 230 -5.80 -32.74 1.19
N LEU A 231 -7.11 -32.75 1.43
CA LEU A 231 -7.69 -32.01 2.54
C LEU A 231 -7.33 -32.67 3.86
N MET A 232 -7.05 -31.84 4.85
CA MET A 232 -6.48 -32.28 6.11
C MET A 232 -7.37 -32.10 7.37
N ASN A 233 -8.51 -31.44 7.28
CA ASN A 233 -9.24 -31.08 8.48
C ASN A 233 -10.75 -31.04 8.23
N GLU B 7 7.91 35.90 -15.66
CA GLU B 7 7.50 34.51 -15.80
C GLU B 7 8.00 33.66 -14.63
N LYS B 8 9.23 33.92 -14.17
CA LYS B 8 9.77 33.24 -13.00
C LYS B 8 9.28 33.85 -11.70
N PHE B 9 8.99 33.01 -10.72
CA PHE B 9 8.53 33.48 -9.43
C PHE B 9 9.18 32.69 -8.29
N ALA B 10 9.22 33.32 -7.12
CA ALA B 10 9.65 32.72 -5.88
C ALA B 10 8.44 32.32 -5.07
N PHE B 11 8.51 31.15 -4.45
CA PHE B 11 7.52 30.78 -3.46
C PHE B 11 7.64 31.71 -2.26
N GLN B 12 6.50 32.02 -1.65
CA GLN B 12 6.52 32.79 -0.43
C GLN B 12 7.02 31.92 0.73
N ALA B 13 7.72 32.55 1.67
CA ALA B 13 8.46 31.82 2.69
C ALA B 13 7.59 30.80 3.43
N GLU B 14 6.38 31.19 3.83
CA GLU B 14 5.56 30.25 4.59
C GLU B 14 5.12 29.07 3.75
N VAL B 15 5.08 29.20 2.42
CA VAL B 15 4.79 28.05 1.57
C VAL B 15 5.99 27.10 1.51
N ASN B 16 7.21 27.66 1.52
CA ASN B 16 8.37 26.78 1.58
C ASN B 16 8.37 25.99 2.88
N ARG B 17 7.96 26.63 3.97
CA ARG B 17 7.89 25.94 5.26
C ARG B 17 6.83 24.85 5.21
N MET B 18 5.67 25.17 4.67
CA MET B 18 4.61 24.19 4.57
C MET B 18 5.03 23.01 3.71
N MET B 19 5.73 23.27 2.61
CA MET B 19 6.19 22.17 1.76
C MET B 19 7.15 21.27 2.52
N LYS B 20 8.00 21.83 3.38
CA LYS B 20 8.91 20.97 4.12
C LYS B 20 8.16 20.19 5.20
N LEU B 21 7.26 20.86 5.92
CA LEU B 21 6.46 20.15 6.92
C LEU B 21 5.69 19.01 6.29
N ILE B 22 4.97 19.28 5.20
CA ILE B 22 4.20 18.21 4.57
C ILE B 22 5.11 17.05 4.21
N ILE B 23 6.31 17.34 3.69
CA ILE B 23 7.14 16.28 3.14
C ILE B 23 7.73 15.39 4.22
N ASN B 24 8.20 15.97 5.31
CA ASN B 24 8.84 15.11 6.32
C ASN B 24 7.84 14.60 7.36
N SER B 25 6.54 14.91 7.23
CA SER B 25 5.55 14.32 8.11
C SER B 25 4.68 13.28 7.42
N LEU B 26 4.73 13.16 6.10
CA LEU B 26 3.88 12.17 5.43
C LEU B 26 4.69 11.25 4.52
N TYR B 27 5.98 11.10 4.82
CA TYR B 27 6.85 10.32 3.96
C TYR B 27 6.48 8.83 3.94
N LYS B 28 5.72 8.31 4.94
CA LYS B 28 5.23 6.94 4.85
C LYS B 28 3.84 6.82 4.25
N ASN B 29 3.10 7.93 4.16
CA ASN B 29 1.77 7.83 3.57
C ASN B 29 1.73 8.60 2.28
N LYS B 30 2.68 8.29 1.40
CA LYS B 30 2.83 9.07 0.19
C LYS B 30 1.54 9.05 -0.62
N GLU B 31 0.79 7.94 -0.56
CA GLU B 31 -0.42 7.78 -1.37
C GLU B 31 -1.47 8.86 -1.10
N ILE B 32 -1.36 9.57 0.01
CA ILE B 32 -2.37 10.56 0.32
C ILE B 32 -2.41 11.66 -0.73
N PHE B 33 -1.32 11.81 -1.50
CA PHE B 33 -1.30 12.86 -2.52
C PHE B 33 -2.46 12.69 -3.48
N LEU B 34 -2.80 11.45 -3.77
CA LEU B 34 -3.83 11.22 -4.75
C LEU B 34 -5.21 11.48 -4.17
N ARG B 35 -5.39 11.25 -2.87
CA ARG B 35 -6.62 11.68 -2.22
C ARG B 35 -6.74 13.20 -2.27
N GLU B 36 -5.62 13.91 -2.15
CA GLU B 36 -5.73 15.37 -2.09
C GLU B 36 -6.00 15.95 -3.47
N LEU B 37 -5.46 15.32 -4.53
CA LEU B 37 -5.76 15.80 -5.89
C LEU B 37 -7.23 15.58 -6.25
N ILE B 38 -7.82 14.46 -5.80
CA ILE B 38 -9.23 14.20 -6.07
C ILE B 38 -10.13 15.12 -5.25
N SER B 39 -9.75 15.42 -4.00
CA SER B 39 -10.49 16.44 -3.25
C SER B 39 -10.43 17.79 -3.96
N ASN B 40 -9.24 18.19 -4.40
CA ASN B 40 -9.13 19.48 -5.05
C ASN B 40 -9.94 19.52 -6.35
N ALA B 41 -9.90 18.44 -7.13
CA ALA B 41 -10.67 18.44 -8.37
C ALA B 41 -12.17 18.59 -8.07
N SER B 42 -12.62 17.94 -6.99
CA SER B 42 -14.02 17.95 -6.59
C SER B 42 -14.44 19.34 -6.13
N ASP B 43 -13.57 20.04 -5.39
CA ASP B 43 -13.90 21.40 -5.00
C ASP B 43 -14.04 22.29 -6.22
N ALA B 44 -13.18 22.08 -7.21
CA ALA B 44 -13.23 22.92 -8.40
C ALA B 44 -14.51 22.64 -9.20
N LEU B 45 -14.94 21.38 -9.23
CA LEU B 45 -16.20 21.01 -9.85
C LEU B 45 -17.38 21.65 -9.11
N ASP B 46 -17.33 21.63 -7.78
CA ASP B 46 -18.37 22.30 -7.01
C ASP B 46 -18.40 23.79 -7.30
N LYS B 47 -17.22 24.42 -7.38
CA LYS B 47 -17.20 25.87 -7.61
C LYS B 47 -17.88 26.21 -8.92
N ILE B 48 -17.56 25.47 -10.00
CA ILE B 48 -18.15 25.87 -11.26
C ILE B 48 -19.64 25.57 -11.28
N ARG B 49 -20.06 24.51 -10.58
CA ARG B 49 -21.47 24.17 -10.53
C ARG B 49 -22.27 25.21 -9.75
N LEU B 50 -21.70 25.70 -8.64
CA LEU B 50 -22.33 26.82 -7.95
C LEU B 50 -22.45 28.04 -8.89
N ILE B 51 -21.36 28.37 -9.59
CA ILE B 51 -21.35 29.49 -10.52
C ILE B 51 -22.40 29.31 -11.61
N SER B 52 -22.64 28.08 -12.05
CA SER B 52 -23.64 27.87 -13.08
C SER B 52 -25.06 28.11 -12.58
N LEU B 53 -25.30 28.09 -11.27
CA LEU B 53 -26.62 28.44 -10.76
C LEU B 53 -27.02 29.84 -11.18
N THR B 54 -26.06 30.78 -11.21
CA THR B 54 -26.35 32.17 -11.52
C THR B 54 -25.85 32.60 -12.90
N ASP B 55 -25.18 31.74 -13.65
CA ASP B 55 -24.65 32.12 -14.95
C ASP B 55 -25.04 31.06 -15.97
N GLU B 56 -25.84 31.47 -16.96
CA GLU B 56 -26.30 30.56 -18.00
C GLU B 56 -25.15 30.00 -18.82
N ASN B 57 -24.02 30.72 -18.92
CA ASN B 57 -22.90 30.37 -19.78
C ASN B 57 -21.73 29.77 -19.01
N ALA B 58 -21.91 29.37 -17.76
CA ALA B 58 -20.79 28.86 -17.01
C ALA B 58 -20.16 27.65 -17.70
N LEU B 59 -20.98 26.77 -18.25
CA LEU B 59 -20.47 25.50 -18.76
C LEU B 59 -20.18 25.51 -20.27
N ALA B 60 -20.11 26.69 -20.91
CA ALA B 60 -19.98 26.76 -22.37
C ALA B 60 -18.64 26.26 -22.87
N GLY B 61 -17.56 26.47 -22.10
CA GLY B 61 -16.27 25.96 -22.52
C GLY B 61 -16.16 24.45 -22.50
N ASN B 62 -17.06 23.77 -21.77
CA ASN B 62 -17.09 22.31 -21.68
C ASN B 62 -18.25 21.96 -20.75
N GLU B 63 -19.14 21.06 -21.14
CA GLU B 63 -20.40 20.91 -20.42
C GLU B 63 -20.43 19.70 -19.48
N GLU B 64 -19.39 18.89 -19.46
CA GLU B 64 -19.32 17.80 -18.50
C GLU B 64 -18.63 18.24 -17.21
N LEU B 65 -18.93 17.51 -16.13
CA LEU B 65 -18.35 17.73 -14.82
C LEU B 65 -17.70 16.42 -14.41
N THR B 66 -16.45 16.18 -14.81
CA THR B 66 -15.80 14.88 -14.55
C THR B 66 -14.41 15.04 -13.97
N VAL B 67 -13.86 13.94 -13.47
CA VAL B 67 -12.43 13.82 -13.22
C VAL B 67 -11.92 12.65 -14.04
N LYS B 68 -10.83 12.88 -14.80
CA LYS B 68 -10.22 11.89 -15.66
C LYS B 68 -8.74 11.73 -15.29
N ILE B 69 -8.33 10.49 -15.02
CA ILE B 69 -6.99 10.17 -14.52
C ILE B 69 -6.30 9.24 -15.51
N LYS B 70 -5.04 9.54 -15.81
CA LYS B 70 -4.31 8.92 -16.91
C LYS B 70 -2.86 8.68 -16.50
N CYS B 71 -2.39 7.44 -16.66
CA CYS B 71 -1.00 7.06 -16.45
C CYS B 71 -0.27 7.08 -17.78
N ASP B 72 0.98 7.53 -17.76
CA ASP B 72 1.87 7.41 -18.91
C ASP B 72 3.16 6.80 -18.37
N LYS B 73 3.23 5.46 -18.35
CA LYS B 73 4.40 4.82 -17.76
C LYS B 73 5.66 5.11 -18.57
N GLU B 74 5.50 5.32 -19.88
CA GLU B 74 6.67 5.43 -20.74
C GLU B 74 7.27 6.84 -20.69
N LYS B 75 6.46 7.87 -20.48
CA LYS B 75 6.95 9.23 -20.24
C LYS B 75 7.07 9.56 -18.74
N ASN B 76 6.75 8.62 -17.85
CA ASN B 76 6.94 8.79 -16.40
C ASN B 76 5.99 9.85 -15.82
N LEU B 77 4.74 9.84 -16.26
CA LEU B 77 3.84 10.92 -15.92
C LEU B 77 2.49 10.39 -15.43
N LEU B 78 1.91 11.09 -14.48
CA LEU B 78 0.57 10.88 -14.01
C LEU B 78 -0.24 12.16 -14.23
N HIS B 79 -1.43 12.05 -14.82
CA HIS B 79 -2.26 13.23 -15.07
C HIS B 79 -3.57 13.12 -14.30
N VAL B 80 -3.99 14.22 -13.67
CA VAL B 80 -5.33 14.31 -13.08
C VAL B 80 -6.00 15.55 -13.66
N THR B 81 -7.09 15.34 -14.40
CA THR B 81 -7.71 16.40 -15.16
C THR B 81 -9.15 16.55 -14.68
N ASP B 82 -9.54 17.77 -14.32
CA ASP B 82 -10.92 18.03 -13.95
C ASP B 82 -11.50 19.14 -14.83
N THR B 83 -12.82 19.15 -14.99
CA THR B 83 -13.50 20.20 -15.77
C THR B 83 -14.19 21.21 -14.86
N GLY B 84 -13.57 21.51 -13.71
CA GLY B 84 -14.09 22.50 -12.79
C GLY B 84 -13.84 23.92 -13.25
N VAL B 85 -13.77 24.84 -12.28
CA VAL B 85 -13.76 26.26 -12.56
C VAL B 85 -12.48 26.69 -13.28
N GLY B 86 -11.39 25.96 -13.10
CA GLY B 86 -10.11 26.39 -13.63
C GLY B 86 -9.56 27.61 -12.89
N MET B 87 -8.40 28.07 -13.38
CA MET B 87 -7.69 29.18 -12.78
C MET B 87 -7.15 30.14 -13.83
N THR B 88 -7.29 31.44 -13.58
CA THR B 88 -6.67 32.47 -14.38
C THR B 88 -5.19 32.57 -14.10
N ARG B 89 -4.48 33.26 -14.98
CA ARG B 89 -3.06 33.45 -14.78
C ARG B 89 -2.78 34.10 -13.43
N GLU B 90 -3.62 35.03 -12.99
CA GLU B 90 -3.36 35.67 -11.70
C GLU B 90 -3.57 34.67 -10.57
N GLU B 91 -4.60 33.82 -10.69
CA GLU B 91 -4.83 32.86 -9.64
C GLU B 91 -3.82 31.74 -9.65
N LEU B 92 -3.19 31.42 -10.78
CA LEU B 92 -2.07 30.50 -10.72
C LEU B 92 -0.94 31.10 -9.88
N VAL B 93 -0.58 32.35 -10.17
CA VAL B 93 0.50 32.97 -9.42
C VAL B 93 0.16 33.07 -7.93
N LYS B 94 -1.06 33.51 -7.59
CA LYS B 94 -1.31 33.79 -6.19
C LYS B 94 -1.78 32.56 -5.41
N ASN B 95 -2.68 31.78 -5.99
CA ASN B 95 -3.22 30.65 -5.25
C ASN B 95 -2.20 29.54 -5.11
N LEU B 96 -1.25 29.40 -6.03
CA LEU B 96 -0.29 28.32 -5.87
C LEU B 96 1.03 28.79 -5.28
N GLY B 97 1.32 30.08 -5.31
CA GLY B 97 2.60 30.55 -4.78
C GLY B 97 2.53 31.29 -3.46
N THR B 98 1.34 31.65 -3.00
CA THR B 98 1.16 32.41 -1.76
C THR B 98 0.23 31.64 -0.83
N ILE B 99 -0.26 32.31 0.21
CA ILE B 99 -1.02 31.57 1.21
C ILE B 99 -2.01 32.48 1.96
N ALA B 100 -1.54 33.22 2.96
CA ALA B 100 -2.37 34.15 3.75
C ALA B 100 -3.79 33.63 4.00
N LYS B 101 -4.78 34.27 3.35
CA LYS B 101 -6.18 33.86 3.43
C LYS B 101 -6.65 33.77 4.88
N SER B 102 -6.23 32.71 5.57
CA SER B 102 -6.62 32.47 6.95
C SER B 102 -5.40 32.43 7.87
N GLY B 103 -5.51 31.73 8.99
CA GLY B 103 -4.43 31.59 9.95
C GLY B 103 -3.37 30.60 9.52
N THR B 104 -2.37 31.10 8.78
CA THR B 104 -1.36 30.21 8.22
C THR B 104 -0.27 29.89 9.22
N SER B 105 0.29 30.91 9.88
CA SER B 105 1.29 30.66 10.91
C SER B 105 0.71 29.75 11.99
N GLU B 106 -0.50 30.04 12.42
CA GLU B 106 -1.34 29.17 13.23
C GLU B 106 -1.20 27.71 12.82
N PHE B 107 -1.13 27.44 11.53
CA PHE B 107 -1.28 26.08 11.05
C PHE B 107 0.07 25.41 10.81
N LEU B 108 1.15 26.20 10.76
CA LEU B 108 2.51 25.68 10.82
C LEU B 108 2.96 25.38 12.24
N ASN B 109 2.32 25.98 13.26
CA ASN B 109 2.60 25.59 14.64
C ASN B 109 1.85 24.33 15.02
N LYS B 110 0.60 24.21 14.55
CA LYS B 110 -0.19 23.04 14.84
C LYS B 110 0.41 21.78 14.22
N MET B 111 1.11 21.90 13.09
CA MET B 111 1.61 20.69 12.46
C MET B 111 2.93 20.23 13.05
N THR B 112 3.80 21.17 13.41
CA THR B 112 5.00 20.81 14.16
C THR B 112 4.62 20.16 15.50
N GLU B 113 3.64 20.73 16.19
CA GLU B 113 3.14 20.18 17.44
C GLU B 113 2.03 19.15 17.19
N SER B 120 -3.21 12.82 13.73
CA SER B 120 -2.43 12.67 12.51
C SER B 120 -2.38 13.97 11.71
N THR B 121 -1.21 14.23 11.13
CA THR B 121 -1.04 15.34 10.19
C THR B 121 -1.78 15.12 8.87
N SER B 122 -2.13 13.88 8.53
CA SER B 122 -2.86 13.61 7.30
C SER B 122 -4.18 14.36 7.22
N GLU B 123 -4.97 14.31 8.29
CA GLU B 123 -6.31 14.90 8.21
C GLU B 123 -6.27 16.42 8.32
N LEU B 124 -5.21 16.98 8.89
CA LEU B 124 -5.19 18.40 9.14
C LEU B 124 -4.76 19.19 7.91
N ILE B 125 -4.13 18.55 6.92
CA ILE B 125 -3.94 19.17 5.62
C ILE B 125 -5.23 19.19 4.83
N GLY B 126 -6.13 18.23 5.10
CA GLY B 126 -7.43 18.27 4.48
C GLY B 126 -8.21 19.49 4.92
N GLN B 127 -8.11 19.85 6.21
CA GLN B 127 -8.96 20.90 6.73
C GLN B 127 -8.50 22.28 6.30
N PHE B 128 -7.22 22.46 6.02
CA PHE B 128 -6.74 23.76 5.56
C PHE B 128 -6.75 23.87 4.04
N GLY B 129 -7.09 22.79 3.33
CA GLY B 129 -7.17 22.84 1.89
C GLY B 129 -5.85 23.14 1.22
N VAL B 130 -4.75 22.67 1.80
CA VAL B 130 -3.41 22.95 1.29
C VAL B 130 -2.70 21.66 0.82
N GLY B 131 -3.48 20.63 0.51
CA GLY B 131 -3.00 19.31 0.11
C GLY B 131 -2.42 19.22 -1.29
N PHE B 132 -2.55 20.28 -2.10
CA PHE B 132 -1.85 20.31 -3.39
C PHE B 132 -0.36 20.04 -3.20
N TYR B 133 0.22 20.56 -2.12
CA TYR B 133 1.68 20.45 -1.95
C TYR B 133 2.13 19.02 -1.68
N SER B 134 1.22 18.13 -1.27
CA SER B 134 1.62 16.74 -1.16
C SER B 134 2.06 16.13 -2.49
N ALA B 135 1.88 16.83 -3.62
CA ALA B 135 2.35 16.24 -4.87
C ALA B 135 3.87 16.09 -4.87
N PHE B 136 4.58 16.96 -4.17
CA PHE B 136 6.03 16.87 -4.12
C PHE B 136 6.53 15.70 -3.31
N LEU B 137 5.66 15.03 -2.54
CA LEU B 137 6.07 13.78 -1.91
C LEU B 137 6.49 12.75 -2.96
N VAL B 138 5.81 12.72 -4.10
CA VAL B 138 6.06 11.70 -5.11
C VAL B 138 6.59 12.27 -6.43
N ALA B 139 6.69 13.59 -6.56
CA ALA B 139 6.97 14.20 -7.84
C ALA B 139 8.20 15.07 -7.77
N ASP B 140 9.03 14.99 -8.82
CA ASP B 140 10.17 15.87 -8.99
C ASP B 140 9.77 17.20 -9.61
N LYS B 141 8.81 17.16 -10.51
CA LYS B 141 8.21 18.34 -11.12
C LYS B 141 6.70 18.22 -11.01
N VAL B 142 6.05 19.35 -10.77
CA VAL B 142 4.60 19.46 -10.80
C VAL B 142 4.24 20.50 -11.85
N ILE B 143 3.29 20.17 -12.70
CA ILE B 143 2.84 21.05 -13.78
C ILE B 143 1.34 21.21 -13.69
N VAL B 144 0.87 22.45 -13.73
CA VAL B 144 -0.55 22.74 -13.65
C VAL B 144 -0.94 23.46 -14.93
N THR B 145 -1.76 22.82 -15.75
CA THR B 145 -2.34 23.40 -16.94
C THR B 145 -3.77 23.78 -16.64
N SER B 146 -4.14 25.04 -16.87
CA SER B 146 -5.47 25.44 -16.45
C SER B 146 -6.09 26.46 -17.39
N LYS B 147 -7.41 26.29 -17.60
CA LYS B 147 -8.24 27.14 -18.44
C LYS B 147 -9.47 27.62 -17.65
N HIS B 148 -9.50 28.92 -17.38
CA HIS B 148 -10.61 29.60 -16.74
C HIS B 148 -11.45 30.35 -17.78
N ASN B 149 -12.75 30.52 -17.50
CA ASN B 149 -13.63 31.15 -18.48
C ASN B 149 -13.23 32.57 -18.82
N ASN B 150 -12.57 33.27 -17.89
CA ASN B 150 -12.19 34.67 -18.11
C ASN B 150 -10.75 34.86 -18.55
N ASP B 151 -10.06 33.80 -19.01
CA ASP B 151 -8.66 33.96 -19.38
C ASP B 151 -8.26 32.83 -20.35
N THR B 152 -7.01 32.91 -20.82
CA THR B 152 -6.49 31.88 -21.71
C THR B 152 -5.78 30.79 -20.91
N GLN B 153 -5.60 29.66 -21.56
CA GLN B 153 -4.92 28.53 -20.92
C GLN B 153 -3.48 28.90 -20.57
N HIS B 154 -3.12 28.65 -19.31
CA HIS B 154 -1.76 28.91 -18.86
C HIS B 154 -1.22 27.64 -18.22
N ILE B 155 0.12 27.57 -18.16
CA ILE B 155 0.82 26.45 -17.54
C ILE B 155 1.65 26.98 -16.39
N TRP B 156 1.47 26.38 -15.23
CA TRP B 156 2.25 26.66 -14.04
C TRP B 156 3.16 25.46 -13.84
N GLU B 157 4.41 25.72 -13.55
CA GLU B 157 5.38 24.65 -13.51
C GLU B 157 6.37 24.91 -12.37
N SER B 158 6.73 23.86 -11.62
CA SER B 158 7.62 23.99 -10.48
C SER B 158 8.33 22.68 -10.16
N ASP B 159 9.57 22.80 -9.68
CA ASP B 159 10.28 21.71 -9.01
C ASP B 159 10.39 21.95 -7.51
N SER B 160 9.59 22.87 -6.97
CA SER B 160 9.52 23.34 -5.59
C SER B 160 10.58 24.41 -5.26
N ASN B 161 11.55 24.68 -6.13
CA ASN B 161 12.59 25.65 -5.81
C ASN B 161 12.27 27.02 -6.36
N GLU B 162 11.20 27.14 -7.12
CA GLU B 162 10.71 28.34 -7.79
C GLU B 162 9.55 27.90 -8.65
N PHE B 163 8.85 28.83 -9.28
CA PHE B 163 7.87 28.39 -10.25
C PHE B 163 7.74 29.42 -11.36
N SER B 164 7.16 28.98 -12.47
CA SER B 164 6.92 29.89 -13.58
C SER B 164 5.52 29.66 -14.13
N VAL B 165 4.94 30.75 -14.60
CA VAL B 165 3.65 30.79 -15.29
C VAL B 165 3.90 31.30 -16.70
N ILE B 166 3.47 30.52 -17.69
CA ILE B 166 3.56 30.90 -19.10
C ILE B 166 2.21 30.66 -19.75
N ALA B 167 1.98 31.42 -20.82
CA ALA B 167 0.84 31.14 -21.70
C ALA B 167 1.06 29.81 -22.41
N ASP B 168 -0.01 29.03 -22.49
CA ASP B 168 0.07 27.71 -23.10
C ASP B 168 0.16 27.87 -24.62
N PRO B 169 1.28 27.52 -25.25
CA PRO B 169 1.37 27.70 -26.71
C PRO B 169 0.45 26.81 -27.51
N ARG B 170 -0.16 25.78 -26.89
CA ARG B 170 -1.13 24.92 -27.55
C ARG B 170 -2.55 25.50 -27.64
N GLY B 171 -2.79 26.68 -27.07
CA GLY B 171 -4.13 27.23 -27.09
C GLY B 171 -5.06 26.57 -26.07
N ASN B 172 -6.35 26.69 -26.32
CA ASN B 172 -7.33 26.21 -25.36
C ASN B 172 -7.66 24.76 -25.69
N THR B 173 -6.88 23.83 -25.14
CA THR B 173 -7.17 22.43 -25.32
C THR B 173 -7.99 21.83 -24.17
N LEU B 174 -8.13 22.54 -23.05
CA LEU B 174 -8.95 22.02 -21.96
C LEU B 174 -10.42 22.40 -22.10
N GLY B 175 -10.74 23.51 -22.74
CA GLY B 175 -12.13 23.96 -22.69
C GLY B 175 -12.41 24.74 -21.43
N ARG B 176 -12.27 24.07 -20.27
CA ARG B 176 -12.35 24.68 -18.96
C ARG B 176 -11.87 23.69 -17.89
N GLY B 177 -11.04 24.14 -16.96
CA GLY B 177 -10.65 23.23 -15.90
C GLY B 177 -9.14 23.17 -15.74
N THR B 178 -8.67 22.08 -15.16
CA THR B 178 -7.30 21.96 -14.70
C THR B 178 -6.78 20.55 -14.89
N THR B 179 -5.56 20.43 -15.41
CA THR B 179 -4.82 19.18 -15.36
C THR B 179 -3.61 19.36 -14.46
N ILE B 180 -3.47 18.46 -13.51
CA ILE B 180 -2.25 18.31 -12.72
C ILE B 180 -1.44 17.20 -13.34
N THR B 181 -0.22 17.51 -13.77
CA THR B 181 0.73 16.54 -14.29
C THR B 181 1.89 16.37 -13.32
N LEU B 182 2.25 15.13 -13.04
CA LEU B 182 3.35 14.85 -12.11
C LEU B 182 4.45 14.08 -12.84
N VAL B 183 5.66 14.60 -12.76
CA VAL B 183 6.84 13.88 -13.23
C VAL B 183 7.33 13.10 -12.01
N LEU B 184 7.10 11.78 -12.00
CA LEU B 184 7.23 11.08 -10.75
C LEU B 184 8.69 10.82 -10.42
N LYS B 185 8.97 10.77 -9.12
CA LYS B 185 10.28 10.37 -8.61
C LYS B 185 10.50 8.91 -8.95
N GLU B 186 11.77 8.51 -8.91
CA GLU B 186 12.09 7.12 -9.22
C GLU B 186 11.43 6.17 -8.24
N GLU B 187 11.39 6.54 -6.95
CA GLU B 187 10.79 5.69 -5.93
C GLU B 187 9.26 5.70 -5.96
N ALA B 188 8.66 6.58 -6.77
CA ALA B 188 7.21 6.70 -6.91
C ALA B 188 6.69 6.05 -8.18
N SER B 189 7.51 5.26 -8.86
CA SER B 189 7.11 4.61 -10.11
C SER B 189 6.02 3.59 -9.90
N ASP B 190 5.77 3.20 -8.66
CA ASP B 190 4.68 2.27 -8.43
C ASP B 190 3.34 2.90 -8.76
N TYR B 191 3.24 4.23 -8.75
CA TYR B 191 2.01 4.91 -9.12
C TYR B 191 1.82 5.04 -10.61
N LEU B 192 2.67 4.41 -11.43
CA LEU B 192 2.38 4.31 -12.84
C LEU B 192 1.60 3.05 -13.21
N GLU B 193 1.57 2.04 -12.33
CA GLU B 193 0.90 0.80 -12.70
C GLU B 193 -0.61 0.94 -12.55
N LEU B 194 -1.32 0.54 -13.60
CA LEU B 194 -2.76 0.76 -13.68
C LEU B 194 -3.51 0.14 -12.51
N ASP B 195 -3.03 -0.97 -11.98
CA ASP B 195 -3.81 -1.62 -10.93
C ASP B 195 -3.60 -0.96 -9.58
N THR B 196 -2.41 -0.39 -9.33
CA THR B 196 -2.22 0.43 -8.14
C THR B 196 -3.08 1.69 -8.21
N ILE B 197 -3.09 2.35 -9.36
CA ILE B 197 -3.82 3.61 -9.48
C ILE B 197 -5.31 3.36 -9.30
N LYS B 198 -5.85 2.36 -10.00
CA LYS B 198 -7.28 2.07 -9.92
C LYS B 198 -7.71 1.74 -8.51
N ASN B 199 -6.88 1.01 -7.76
CA ASN B 199 -7.32 0.70 -6.40
C ASN B 199 -7.34 1.94 -5.53
N LEU B 200 -6.35 2.82 -5.70
CA LEU B 200 -6.31 4.04 -4.88
C LEU B 200 -7.40 5.03 -5.29
N VAL B 201 -7.71 5.12 -6.58
CA VAL B 201 -8.73 6.09 -6.98
C VAL B 201 -10.07 5.66 -6.45
N LYS B 202 -10.32 4.35 -6.47
CA LYS B 202 -11.59 3.77 -6.03
C LYS B 202 -11.72 3.89 -4.52
N LYS B 203 -10.60 3.85 -3.81
CA LYS B 203 -10.62 4.11 -2.38
C LYS B 203 -10.97 5.56 -2.06
N TYR B 204 -10.43 6.53 -2.81
CA TYR B 204 -10.56 7.94 -2.46
C TYR B 204 -11.65 8.65 -3.22
N SER B 205 -12.49 7.93 -3.96
CA SER B 205 -13.55 8.54 -4.75
C SER B 205 -14.95 8.21 -4.25
N GLN B 206 -15.06 7.52 -3.11
CA GLN B 206 -16.34 6.96 -2.69
C GLN B 206 -17.35 8.04 -2.32
N PHE B 207 -16.88 9.15 -1.76
CA PHE B 207 -17.80 10.19 -1.32
C PHE B 207 -17.71 11.43 -2.18
N ILE B 208 -17.21 11.27 -3.41
CA ILE B 208 -17.14 12.35 -4.39
C ILE B 208 -18.39 12.27 -5.25
N ASN B 209 -19.02 13.41 -5.48
CA ASN B 209 -20.27 13.47 -6.26
C ASN B 209 -20.04 13.89 -7.70
N PHE B 210 -18.96 13.45 -8.30
CA PHE B 210 -18.77 13.62 -9.73
C PHE B 210 -18.18 12.30 -10.19
N PRO B 211 -18.54 11.83 -11.38
CA PRO B 211 -17.92 10.60 -11.88
C PRO B 211 -16.41 10.78 -11.91
N ILE B 212 -15.67 9.73 -11.56
CA ILE B 212 -14.21 9.72 -11.68
C ILE B 212 -13.79 8.54 -12.55
N TYR B 213 -12.99 8.81 -13.58
CA TYR B 213 -12.55 7.82 -14.55
C TYR B 213 -11.03 7.67 -14.54
N VAL B 214 -10.58 6.43 -14.72
CA VAL B 214 -9.19 6.12 -15.02
C VAL B 214 -9.13 5.56 -16.44
N TRP B 215 -8.16 6.02 -17.23
CA TRP B 215 -7.92 5.52 -18.57
C TRP B 215 -7.29 4.12 -18.48
N SER B 216 -8.06 3.08 -18.81
CA SER B 216 -7.62 1.72 -18.55
C SER B 216 -7.73 0.84 -19.79
N SER B 217 -7.31 -0.41 -19.64
CA SER B 217 -7.29 -1.39 -20.73
C SER B 217 -8.29 -2.49 -20.43
N LYS B 218 -8.91 -3.00 -21.49
CA LYS B 218 -9.89 -4.08 -21.38
C LYS B 218 -9.76 -5.05 -22.55
N THR B 219 -10.42 -6.19 -22.39
CA THR B 219 -10.56 -7.22 -23.43
C THR B 219 -11.33 -6.66 -24.64
N LYS B 224 -8.68 -8.84 -27.76
CA LYS B 224 -8.03 -7.62 -28.22
C LYS B 224 -8.01 -6.54 -27.13
N THR B 225 -6.82 -5.98 -26.87
CA THR B 225 -6.68 -4.91 -25.89
C THR B 225 -7.24 -3.60 -26.41
N VAL B 226 -8.15 -3.01 -25.62
CA VAL B 226 -8.76 -1.73 -25.96
C VAL B 226 -8.54 -0.77 -24.79
N TRP B 227 -8.52 0.53 -25.09
CA TRP B 227 -8.35 1.56 -24.08
C TRP B 227 -9.57 2.48 -24.08
N ASP B 228 -10.11 2.75 -22.89
CA ASP B 228 -11.24 3.66 -22.75
C ASP B 228 -11.35 4.12 -21.29
N TRP B 229 -12.18 5.14 -21.07
CA TRP B 229 -12.44 5.59 -19.71
C TRP B 229 -13.22 4.53 -18.96
N GLU B 230 -12.75 4.19 -17.77
CA GLU B 230 -13.42 3.22 -16.92
C GLU B 230 -13.86 3.91 -15.63
N LEU B 231 -15.15 3.82 -15.33
CA LEU B 231 -15.71 4.51 -14.18
C LEU B 231 -15.31 3.85 -12.88
N MET B 232 -15.01 4.68 -11.86
CA MET B 232 -14.50 4.20 -10.60
C MET B 232 -15.45 4.41 -9.42
N ASN B 233 -16.53 5.18 -9.57
CA ASN B 233 -17.37 5.47 -8.42
C ASN B 233 -18.85 5.61 -8.82
#